data_8UWM
#
_entry.id   8UWM
#
_cell.length_a   65.887
_cell.length_b   77.993
_cell.length_c   110.457
_cell.angle_alpha   90.00
_cell.angle_beta   90.00
_cell.angle_gamma   90.00
#
_symmetry.space_group_name_H-M   'P 21 21 21'
#
loop_
_entity.id
_entity.type
_entity.pdbx_description
1 polymer 'Fluorophosphonate-binding serine hydrolase E'
2 non-polymer 2-methyl-4-(4,4,5,5-tetramethyl-1,3,2-dioxaborolan-2-yl)benzene-1-sulfonamide
3 non-polymer 'CALCIUM ION'
4 water water
#
_entity_poly.entity_id   1
_entity_poly.type   'polypeptide(L)'
_entity_poly.pdbx_seq_one_letter_code
;GPGMETLELQGAKLRYHQVGQGPVLIFIPGANGTGDIFLPLAEQLKDHFTVVAVDRRDYGESELTEPLPDSASNPDSDYR
VKRDAQDIAELAKSLSDEPVYILGSSSGSIVAMHVLKDYPEVVKKIAFHEPPINTFLPDSTYWKDKNDDIVHQILTEGLE
KGMKTFGETLNIAPIDAKMMSQPADTEEGRIEQYKRTMFWLEFEIRQYTHSNITLDDFTKYSDKITLLNGTDSRGSFPQD
VNFYINKETGIPIVDIPGGHLGYIQKPEGFADVLLNMWG
;
_entity_poly.pdbx_strand_id   A,B
#
# COMPACT_ATOMS: atom_id res chain seq x y z
N GLY A 3 23.99 4.82 -6.63
CA GLY A 3 25.11 4.57 -5.69
C GLY A 3 24.89 5.24 -4.34
N MET A 4 24.06 4.64 -3.48
CA MET A 4 23.79 5.15 -2.14
C MET A 4 24.34 4.23 -1.06
N GLU A 5 24.64 4.81 0.10
CA GLU A 5 25.00 4.05 1.27
C GLU A 5 23.80 3.41 1.94
N THR A 6 24.04 2.29 2.62
CA THR A 6 23.02 1.56 3.35
C THR A 6 23.39 1.48 4.82
N LEU A 7 22.39 1.64 5.69
CA LEU A 7 22.50 1.28 7.10
C LEU A 7 21.32 0.38 7.45
N GLU A 8 21.61 -0.86 7.81
CA GLU A 8 20.56 -1.80 8.12
C GLU A 8 20.07 -1.53 9.54
N LEU A 9 18.77 -1.32 9.68
CA LEU A 9 18.14 -1.06 10.96
C LEU A 9 16.96 -2.03 11.14
N GLN A 10 16.39 -2.05 12.35
CA GLN A 10 15.31 -2.99 12.62
C GLN A 10 14.13 -2.63 11.73
N GLY A 11 13.78 -3.54 10.83
CA GLY A 11 12.64 -3.35 9.98
C GLY A 11 12.89 -2.60 8.69
N ALA A 12 14.12 -2.12 8.46
CA ALA A 12 14.35 -1.42 7.21
C ALA A 12 15.83 -1.33 6.86
N LYS A 13 16.10 -1.20 5.56
CA LYS A 13 17.40 -0.80 5.03
C LYS A 13 17.30 0.67 4.67
N LEU A 14 18.07 1.50 5.39
CA LEU A 14 18.03 2.96 5.27
C LEU A 14 19.10 3.41 4.28
N ARG A 15 18.70 4.08 3.22
CA ARG A 15 19.65 4.54 2.23
C ARG A 15 19.85 6.04 2.36
N TYR A 16 21.08 6.49 2.13
CA TYR A 16 21.38 7.90 2.26
C TYR A 16 22.52 8.26 1.31
N HIS A 17 22.53 9.52 0.88
CA HIS A 17 23.66 10.09 0.15
C HIS A 17 24.69 10.61 1.15
N GLN A 18 25.93 10.67 0.72
CA GLN A 18 26.97 11.28 1.53
C GLN A 18 28.04 11.90 0.65
N VAL A 19 28.34 13.17 0.89
CA VAL A 19 29.49 13.81 0.23
C VAL A 19 30.07 14.83 1.20
N GLY A 20 31.37 14.97 1.14
CA GLY A 20 32.07 16.11 1.72
C GLY A 20 32.94 15.72 2.90
N GLN A 21 33.47 16.75 3.57
CA GLN A 21 34.40 16.57 4.67
C GLN A 21 34.05 17.50 5.82
N GLY A 22 34.26 17.03 7.06
CA GLY A 22 34.03 17.84 8.23
C GLY A 22 32.97 17.28 9.15
N PRO A 23 32.42 18.14 10.03
CA PRO A 23 31.34 17.70 10.92
C PRO A 23 30.19 17.12 10.14
N VAL A 24 29.56 16.08 10.71
CA VAL A 24 28.38 15.50 10.08
C VAL A 24 27.21 16.49 10.10
N LEU A 25 26.51 16.60 8.97
CA LEU A 25 25.30 17.40 8.86
C LEU A 25 24.23 16.53 8.17
N ILE A 26 23.17 16.20 8.89
CA ILE A 26 22.12 15.33 8.37
C ILE A 26 20.93 16.19 7.93
N PHE A 27 20.53 16.02 6.67
CA PHE A 27 19.35 16.65 6.09
C PHE A 27 18.20 15.66 6.05
N ILE A 28 17.08 16.04 6.65
CA ILE A 28 15.92 15.16 6.74
C ILE A 28 14.85 15.70 5.81
N PRO A 29 14.45 14.95 4.78
CA PRO A 29 13.54 15.49 3.79
C PRO A 29 12.13 15.58 4.34
N GLY A 30 11.36 16.47 3.71
CA GLY A 30 9.95 16.59 4.01
C GLY A 30 9.07 15.73 3.12
N ALA A 31 8.05 16.35 2.52
CA ALA A 31 6.98 15.59 1.89
C ALA A 31 7.47 14.68 0.77
N ASN A 32 8.56 15.05 0.10
CA ASN A 32 9.09 14.19 -0.97
C ASN A 32 9.84 12.97 -0.44
N GLY A 33 10.25 12.96 0.83
CA GLY A 33 10.76 11.76 1.47
C GLY A 33 12.18 11.34 1.13
N THR A 34 12.82 11.96 0.14
CA THR A 34 14.11 11.49 -0.35
C THR A 34 15.17 12.57 -0.26
N GLY A 35 16.43 12.16 -0.09
CA GLY A 35 17.51 13.09 0.14
C GLY A 35 18.12 13.68 -1.10
N ASP A 36 17.74 13.16 -2.29
CA ASP A 36 18.30 13.71 -3.52
C ASP A 36 17.95 15.18 -3.65
N ILE A 37 16.85 15.60 -3.03
CA ILE A 37 16.44 17.00 -3.13
C ILE A 37 17.43 17.93 -2.46
N PHE A 38 18.29 17.43 -1.57
CA PHE A 38 19.33 18.25 -0.95
C PHE A 38 20.65 18.24 -1.72
N LEU A 39 20.75 17.52 -2.81
CA LEU A 39 22.10 17.28 -3.32
C LEU A 39 22.72 18.54 -3.93
N PRO A 40 21.94 19.42 -4.57
CA PRO A 40 22.53 20.72 -4.99
C PRO A 40 22.98 21.58 -3.80
N LEU A 41 22.20 21.58 -2.72
CA LEU A 41 22.66 22.25 -1.52
C LEU A 41 23.93 21.61 -0.98
N ALA A 42 23.98 20.27 -0.97
CA ALA A 42 25.17 19.56 -0.49
C ALA A 42 26.41 19.97 -1.26
N GLU A 43 26.26 20.29 -2.55
CA GLU A 43 27.42 20.71 -3.34
C GLU A 43 28.02 22.00 -2.78
N GLN A 44 27.17 22.91 -2.27
CA GLN A 44 27.63 24.19 -1.74
C GLN A 44 28.28 24.04 -0.37
N LEU A 45 28.07 22.92 0.32
CA LEU A 45 28.47 22.77 1.70
C LEU A 45 29.56 21.72 1.93
N LYS A 46 29.90 20.92 0.92
CA LYS A 46 30.77 19.77 1.12
C LYS A 46 32.19 20.14 1.53
N ASP A 47 32.61 21.40 1.31
CA ASP A 47 33.94 21.80 1.76
C ASP A 47 34.00 21.91 3.28
N HIS A 48 32.86 22.21 3.92
CA HIS A 48 32.81 22.51 5.35
C HIS A 48 32.00 21.51 6.17
N PHE A 49 31.23 20.62 5.53
CA PHE A 49 30.44 19.62 6.24
C PHE A 49 30.53 18.29 5.52
N THR A 50 30.47 17.22 6.29
CA THR A 50 30.19 15.90 5.73
C THR A 50 28.67 15.79 5.64
N VAL A 51 28.15 15.97 4.45
CA VAL A 51 26.71 16.11 4.25
C VAL A 51 26.07 14.74 4.06
N VAL A 52 25.00 14.49 4.80
CA VAL A 52 24.28 13.23 4.76
C VAL A 52 22.81 13.54 4.48
N ALA A 53 22.29 13.06 3.34
CA ALA A 53 20.91 13.29 2.91
C ALA A 53 20.17 11.96 2.89
N VAL A 54 19.19 11.81 3.76
CA VAL A 54 18.56 10.51 3.97
C VAL A 54 17.34 10.33 3.09
N ASP A 55 17.18 9.12 2.56
CA ASP A 55 15.90 8.64 2.06
C ASP A 55 15.19 8.02 3.28
N ARG A 56 14.13 8.65 3.78
CA ARG A 56 13.49 8.08 4.97
C ARG A 56 12.91 6.70 4.60
N ARG A 57 12.76 5.83 5.62
CA ARG A 57 12.74 4.38 5.36
C ARG A 57 11.59 3.96 4.45
N ASP A 58 10.48 4.69 4.47
CA ASP A 58 9.34 4.38 3.62
C ASP A 58 9.49 4.94 2.21
N TYR A 59 10.59 5.60 1.88
CA TYR A 59 10.70 6.28 0.62
C TYR A 59 11.99 5.96 -0.14
N GLY A 60 11.91 6.19 -1.46
CA GLY A 60 13.11 6.21 -2.29
C GLY A 60 13.78 4.86 -2.37
N GLU A 61 15.08 4.86 -2.11
CA GLU A 61 15.91 3.67 -2.17
C GLU A 61 15.91 2.91 -0.86
N SER A 62 15.33 3.46 0.20
CA SER A 62 15.16 2.69 1.42
C SER A 62 14.09 1.62 1.19
N GLU A 63 14.18 0.53 1.94
CA GLU A 63 13.22 -0.56 1.77
C GLU A 63 12.88 -1.12 3.14
N LEU A 64 11.60 -1.37 3.37
CA LEU A 64 11.16 -2.08 4.56
C LEU A 64 11.52 -3.56 4.45
N THR A 65 11.96 -4.13 5.57
CA THR A 65 12.15 -5.58 5.71
C THR A 65 11.07 -6.21 6.58
N GLU A 66 10.23 -5.40 7.21
CA GLU A 66 9.04 -5.83 7.91
C GLU A 66 7.88 -4.91 7.53
N PRO A 67 6.67 -5.44 7.47
CA PRO A 67 5.56 -4.60 7.02
C PRO A 67 5.25 -3.50 8.01
N LEU A 68 4.68 -2.41 7.52
CA LEU A 68 4.15 -1.42 8.42
C LEU A 68 3.03 -2.04 9.24
N PRO A 69 2.91 -1.65 10.52
CA PRO A 69 1.74 -2.10 11.29
C PRO A 69 0.46 -1.56 10.70
N ASP A 70 -0.57 -2.39 10.81
CA ASP A 70 -1.88 -2.03 10.31
C ASP A 70 -2.36 -0.69 10.87
N SER A 71 -1.95 -0.37 12.09
CA SER A 71 -2.36 0.86 12.78
C SER A 71 -1.73 2.14 12.24
N ALA A 72 -0.68 2.04 11.42
CA ALA A 72 -0.06 3.26 10.89
C ALA A 72 -1.01 4.10 10.04
N SER A 73 -2.11 3.53 9.52
CA SER A 73 -3.04 4.38 8.77
C SER A 73 -3.93 5.24 9.68
N ASN A 74 -4.05 4.87 10.94
CA ASN A 74 -4.73 5.71 11.94
C ASN A 74 -4.02 7.06 11.99
N PRO A 75 -4.75 8.18 11.88
CA PRO A 75 -4.11 9.51 11.98
C PRO A 75 -3.51 9.80 13.33
N ASP A 76 -3.89 9.06 14.37
CA ASP A 76 -3.33 9.17 15.71
C ASP A 76 -2.08 8.30 15.91
N SER A 77 -1.63 7.53 14.92
CA SER A 77 -0.48 6.66 15.11
C SER A 77 0.81 7.46 15.29
N ASP A 78 1.63 7.09 16.27
CA ASP A 78 2.94 7.72 16.39
C ASP A 78 4.07 6.81 15.91
N TYR A 79 3.73 5.66 15.33
CA TYR A 79 4.76 4.67 14.98
C TYR A 79 5.81 5.25 14.02
N ARG A 80 5.35 5.83 12.89
CA ARG A 80 6.30 6.20 11.84
C ARG A 80 7.20 7.36 12.28
N VAL A 81 6.65 8.35 12.97
CA VAL A 81 7.47 9.51 13.30
C VAL A 81 8.53 9.12 14.33
N LYS A 82 8.16 8.24 15.27
CA LYS A 82 9.13 7.78 16.26
C LYS A 82 10.17 6.85 15.64
N ARG A 83 9.76 5.98 14.73
CA ARG A 83 10.71 5.12 14.01
C ARG A 83 11.66 5.94 13.13
N ASP A 84 11.13 6.96 12.42
CA ASP A 84 11.98 7.86 11.64
C ASP A 84 13.03 8.55 12.52
N ALA A 85 12.61 9.02 13.70
CA ALA A 85 13.53 9.75 14.58
C ALA A 85 14.60 8.83 15.11
N GLN A 86 14.21 7.57 15.44
CA GLN A 86 15.18 6.58 15.88
C GLN A 86 16.15 6.25 14.74
N ASP A 87 15.64 6.21 13.50
CA ASP A 87 16.51 6.01 12.35
C ASP A 87 17.60 7.09 12.29
N ILE A 88 17.21 8.36 12.42
CA ILE A 88 18.19 9.44 12.34
C ILE A 88 19.21 9.31 13.45
N ALA A 89 18.75 8.94 14.66
CA ALA A 89 19.66 8.85 15.79
C ALA A 89 20.66 7.71 15.60
N GLU A 90 20.22 6.56 15.07
CA GLU A 90 21.16 5.47 14.82
C GLU A 90 22.07 5.80 13.64
N LEU A 91 21.56 6.57 12.67
CA LEU A 91 22.43 7.04 11.59
C LEU A 91 23.51 7.98 12.12
N ALA A 92 23.11 8.99 12.90
CA ALA A 92 24.09 9.84 13.57
C ALA A 92 25.14 9.00 14.28
N LYS A 93 24.68 8.01 15.08
CA LYS A 93 25.61 7.24 15.89
C LYS A 93 26.56 6.42 15.02
N SER A 94 26.10 5.95 13.85
CA SER A 94 27.01 5.17 13.00
C SER A 94 28.05 6.08 12.34
N LEU A 95 27.73 7.37 12.16
CA LEU A 95 28.58 8.26 11.40
C LEU A 95 29.56 9.07 12.24
N SER A 96 29.24 9.37 13.50
CA SER A 96 30.25 10.00 14.35
C SER A 96 29.97 9.69 15.82
N ASP A 97 31.01 9.88 16.64
CA ASP A 97 30.88 9.71 18.09
C ASP A 97 30.51 11.00 18.81
N GLU A 98 30.60 12.18 18.09
CA GLU A 98 30.17 13.47 18.63
C GLU A 98 28.79 13.83 18.11
N PRO A 99 27.96 14.54 18.89
CA PRO A 99 26.70 15.02 18.34
C PRO A 99 26.90 15.78 17.04
N VAL A 100 25.92 15.66 16.16
CA VAL A 100 26.03 16.12 14.78
C VAL A 100 25.10 17.30 14.54
N TYR A 101 25.23 17.91 13.38
CA TYR A 101 24.31 18.94 12.95
C TYR A 101 23.15 18.28 12.22
N ILE A 102 21.96 18.85 12.37
CA ILE A 102 20.77 18.29 11.75
C ILE A 102 19.92 19.43 11.21
N LEU A 103 19.44 19.30 9.98
CA LEU A 103 18.44 20.22 9.46
C LEU A 103 17.32 19.40 8.84
N GLY A 104 16.09 19.68 9.28
CA GLY A 104 14.91 19.07 8.72
C GLY A 104 14.00 20.11 8.08
N SER A 105 13.30 19.71 7.02
CA SER A 105 12.39 20.61 6.35
C SER A 105 10.99 20.03 6.45
N SER A 106 10.04 20.85 6.88
CA SER A 106 8.59 20.56 6.81
C SER A 106 8.32 19.32 7.67
N SER A 107 7.66 18.27 7.17
CA SER A 107 7.47 17.11 8.03
C SER A 107 8.81 16.49 8.44
N GLY A 108 9.89 16.77 7.71
CA GLY A 108 11.20 16.33 8.15
C GLY A 108 11.76 17.14 9.30
N SER A 109 11.29 18.39 9.47
CA SER A 109 11.63 19.16 10.67
C SER A 109 10.89 18.59 11.87
N ILE A 110 9.74 17.93 11.64
CA ILE A 110 9.04 17.27 12.73
C ILE A 110 9.81 16.04 13.20
N VAL A 111 10.30 15.23 12.25
CA VAL A 111 11.22 14.15 12.61
C VAL A 111 12.36 14.71 13.43
N ALA A 112 12.98 15.80 12.96
CA ALA A 112 14.07 16.44 13.71
C ALA A 112 13.65 16.76 15.14
N MET A 113 12.45 17.32 15.33
CA MET A 113 12.08 17.62 16.71
C MET A 113 12.00 16.38 17.58
N HIS A 114 11.55 15.26 17.02
CA HIS A 114 11.47 14.03 17.78
C HIS A 114 12.83 13.47 18.06
N VAL A 115 13.78 13.70 17.15
CA VAL A 115 15.17 13.33 17.41
C VAL A 115 15.67 14.08 18.64
N LEU A 116 15.44 15.41 18.67
CA LEU A 116 15.91 16.20 19.80
C LEU A 116 15.22 15.79 21.10
N LYS A 117 13.93 15.43 21.03
CA LYS A 117 13.18 15.09 22.24
C LYS A 117 13.64 13.75 22.80
N ASP A 118 13.76 12.74 21.94
CA ASP A 118 14.03 11.37 22.41
C ASP A 118 15.52 11.03 22.43
N TYR A 119 16.33 11.66 21.56
CA TYR A 119 17.77 11.35 21.49
C TYR A 119 18.59 12.63 21.47
N PRO A 120 18.39 13.51 22.46
CA PRO A 120 19.11 14.80 22.45
C PRO A 120 20.61 14.65 22.41
N GLU A 121 21.14 13.54 22.92
CA GLU A 121 22.58 13.34 22.96
C GLU A 121 23.22 13.32 21.57
N VAL A 122 22.46 13.12 20.49
CA VAL A 122 23.05 13.10 19.16
C VAL A 122 23.03 14.45 18.44
N VAL A 123 22.43 15.48 19.04
CA VAL A 123 22.26 16.77 18.39
C VAL A 123 23.32 17.75 18.92
N LYS A 124 24.19 18.24 18.02
CA LYS A 124 25.02 19.39 18.35
C LYS A 124 24.28 20.71 18.10
N LYS A 125 23.72 20.87 16.91
CA LYS A 125 22.89 22.01 16.55
C LYS A 125 21.79 21.50 15.63
N ILE A 126 20.62 22.16 15.62
CA ILE A 126 19.50 21.70 14.81
C ILE A 126 18.74 22.90 14.24
N ALA A 127 18.30 22.80 12.99
CA ALA A 127 17.51 23.84 12.33
C ALA A 127 16.18 23.23 11.92
N PHE A 128 15.09 23.92 12.22
CA PHE A 128 13.74 23.46 11.83
C PHE A 128 13.29 24.41 10.73
N HIS A 129 13.34 23.93 9.48
CA HIS A 129 12.96 24.74 8.34
C HIS A 129 11.46 24.57 8.11
N GLU A 130 10.71 25.67 8.31
CA GLU A 130 9.26 25.73 8.10
C GLU A 130 8.50 24.49 8.54
N PRO A 131 8.42 24.30 9.85
CA PRO A 131 7.68 23.16 10.40
C PRO A 131 6.18 23.38 10.34
N PRO A 132 5.41 22.34 9.96
CA PRO A 132 3.93 22.45 9.94
C PRO A 132 3.25 21.80 11.14
N ILE A 133 4.00 21.54 12.20
CA ILE A 133 3.42 20.98 13.41
C ILE A 133 2.43 21.95 14.05
N ASN A 134 1.30 21.41 14.55
CA ASN A 134 0.25 22.23 15.13
C ASN A 134 -0.10 21.87 16.57
N THR A 135 0.55 20.87 17.14
CA THR A 135 0.00 20.26 18.36
C THR A 135 -0.04 21.23 19.53
N PHE A 136 0.97 22.08 19.66
CA PHE A 136 1.09 23.06 20.73
C PHE A 136 0.51 24.44 20.35
N LEU A 137 -0.12 24.56 19.19
CA LEU A 137 -0.73 25.82 18.78
C LEU A 137 -2.05 26.05 19.51
N PRO A 138 -2.39 27.32 19.77
CA PRO A 138 -3.67 27.61 20.46
C PRO A 138 -4.87 26.99 19.75
N ASP A 139 -4.84 26.92 18.42
CA ASP A 139 -5.95 26.36 17.65
C ASP A 139 -5.61 24.97 17.09
N SER A 140 -4.82 24.20 17.83
CA SER A 140 -4.40 22.89 17.33
C SER A 140 -5.59 22.03 16.94
N THR A 141 -6.67 22.05 17.71
CA THR A 141 -7.77 21.17 17.34
C THR A 141 -8.35 21.52 15.95
N TYR A 142 -8.41 22.81 15.62
CA TYR A 142 -8.91 23.22 14.30
C TYR A 142 -7.98 22.71 13.19
N TRP A 143 -6.68 22.93 13.33
CA TRP A 143 -5.75 22.50 12.29
C TRP A 143 -5.77 20.99 12.13
N LYS A 144 -5.87 20.25 13.24
CA LYS A 144 -5.88 18.80 13.17
C LYS A 144 -7.11 18.31 12.42
N ASP A 145 -8.28 18.85 12.77
CA ASP A 145 -9.51 18.55 12.07
C ASP A 145 -9.44 18.95 10.59
N LYS A 146 -8.86 20.12 10.30
CA LYS A 146 -8.72 20.56 8.91
C LYS A 146 -7.84 19.62 8.10
N ASN A 147 -6.69 19.24 8.65
CA ASN A 147 -5.85 18.27 7.94
C ASN A 147 -6.59 16.96 7.73
N ASP A 148 -7.33 16.51 8.73
CA ASP A 148 -8.03 15.25 8.59
C ASP A 148 -9.10 15.34 7.49
N ASP A 149 -9.85 16.44 7.46
CA ASP A 149 -10.82 16.62 6.38
C ASP A 149 -10.15 16.68 5.00
N ILE A 150 -9.02 17.40 4.86
CA ILE A 150 -8.33 17.50 3.59
C ILE A 150 -7.86 16.12 3.11
N VAL A 151 -7.20 15.37 3.99
CA VAL A 151 -6.68 14.05 3.59
C VAL A 151 -7.82 13.12 3.18
N HIS A 152 -8.90 13.09 3.95
CA HIS A 152 -10.05 12.27 3.62
C HIS A 152 -10.64 12.65 2.28
N GLN A 153 -10.73 13.96 2.01
CA GLN A 153 -11.32 14.40 0.75
C GLN A 153 -10.45 13.95 -0.44
N ILE A 154 -9.15 14.10 -0.33
CA ILE A 154 -8.23 13.76 -1.43
C ILE A 154 -8.29 12.27 -1.71
N LEU A 155 -8.13 11.47 -0.64
CA LEU A 155 -8.16 10.02 -0.77
C LEU A 155 -9.53 9.52 -1.23
N THR A 156 -10.60 10.12 -0.74
CA THR A 156 -11.94 9.69 -1.17
C THR A 156 -12.18 10.01 -2.64
N GLU A 157 -11.85 11.24 -3.08
CA GLU A 157 -12.11 11.58 -4.47
C GLU A 157 -11.28 10.70 -5.41
N GLY A 158 -10.04 10.39 -5.02
CA GLY A 158 -9.20 9.58 -5.89
C GLY A 158 -9.70 8.16 -6.01
N LEU A 159 -10.10 7.57 -4.90
CA LEU A 159 -10.66 6.23 -4.89
C LEU A 159 -12.02 6.18 -5.58
N GLU A 160 -12.86 7.20 -5.37
CA GLU A 160 -14.14 7.23 -6.07
C GLU A 160 -13.96 7.32 -7.59
N LYS A 161 -12.99 8.12 -8.04
CA LYS A 161 -12.76 8.20 -9.49
C LYS A 161 -12.29 6.84 -10.03
N GLY A 162 -11.36 6.21 -9.31
CA GLY A 162 -10.93 4.87 -9.71
C GLY A 162 -12.10 3.90 -9.75
N MET A 163 -12.96 3.94 -8.73
CA MET A 163 -14.11 3.04 -8.68
C MET A 163 -15.07 3.35 -9.81
N LYS A 164 -15.25 4.63 -10.12
CA LYS A 164 -16.17 5.00 -11.19
C LYS A 164 -15.65 4.51 -12.53
N THR A 165 -14.34 4.66 -12.77
CA THR A 165 -13.73 4.20 -14.00
C THR A 165 -13.79 2.69 -14.11
N PHE A 166 -13.53 2.00 -13.02
CA PHE A 166 -13.70 0.54 -12.96
C PHE A 166 -15.13 0.16 -13.33
N GLY A 167 -16.11 0.84 -12.74
CA GLY A 167 -17.50 0.57 -13.09
C GLY A 167 -17.81 0.79 -14.56
N GLU A 168 -17.11 1.73 -15.20
CA GLU A 168 -17.34 2.03 -16.61
C GLU A 168 -16.90 0.87 -17.50
N THR A 169 -15.92 0.08 -17.05
CA THR A 169 -15.43 -1.06 -17.83
C THR A 169 -16.24 -2.32 -17.58
N LEU A 170 -17.00 -2.38 -16.50
CA LEU A 170 -17.55 -3.66 -16.07
C LEU A 170 -18.69 -4.11 -16.96
N ASN A 171 -18.58 -5.34 -17.41
CA ASN A 171 -19.59 -5.97 -18.26
C ASN A 171 -20.04 -7.16 -17.40
N ILE A 172 -21.04 -6.94 -16.54
CA ILE A 172 -21.44 -7.97 -15.59
C ILE A 172 -22.95 -8.16 -15.54
N ALA A 173 -23.34 -9.31 -14.99
CA ALA A 173 -24.73 -9.73 -14.98
C ALA A 173 -25.54 -8.91 -13.97
N PRO A 174 -26.82 -8.71 -14.25
CA PRO A 174 -27.63 -7.89 -13.33
C PRO A 174 -27.61 -8.38 -11.87
N ILE A 175 -27.70 -9.69 -11.64
CA ILE A 175 -27.73 -10.21 -10.28
C ILE A 175 -26.43 -9.86 -9.54
N ASP A 176 -25.32 -9.87 -10.26
CA ASP A 176 -24.04 -9.54 -9.66
C ASP A 176 -23.94 -8.04 -9.44
N ALA A 177 -24.47 -7.27 -10.39
CA ALA A 177 -24.39 -5.82 -10.30
C ALA A 177 -25.19 -5.31 -9.11
N LYS A 178 -26.34 -5.91 -8.83
CA LYS A 178 -27.07 -5.61 -7.60
C LYS A 178 -26.14 -5.75 -6.41
N MET A 179 -25.51 -6.91 -6.29
CA MET A 179 -24.73 -7.19 -5.09
C MET A 179 -23.47 -6.36 -5.03
N MET A 180 -22.79 -6.20 -6.18
CA MET A 180 -21.57 -5.43 -6.24
C MET A 180 -21.79 -3.97 -5.88
N SER A 181 -23.02 -3.49 -6.02
CA SER A 181 -23.36 -2.12 -5.69
C SER A 181 -23.63 -1.89 -4.21
N GLN A 182 -23.80 -2.95 -3.42
CA GLN A 182 -24.11 -2.77 -2.02
C GLN A 182 -22.90 -2.20 -1.28
N PRO A 183 -22.95 -0.96 -0.80
CA PRO A 183 -21.79 -0.37 -0.13
C PRO A 183 -21.81 -0.61 1.37
N ALA A 184 -20.61 -0.61 1.94
CA ALA A 184 -20.49 -0.80 3.37
C ALA A 184 -21.28 0.29 4.10
N ASP A 185 -21.48 0.07 5.41
CA ASP A 185 -22.36 0.88 6.23
C ASP A 185 -21.64 2.04 6.92
N THR A 186 -20.31 2.18 6.76
CA THR A 186 -19.58 3.31 7.30
C THR A 186 -18.64 3.84 6.22
N GLU A 187 -18.27 5.12 6.35
CA GLU A 187 -17.33 5.70 5.40
C GLU A 187 -16.04 4.89 5.39
N GLU A 188 -15.59 4.45 6.57
CA GLU A 188 -14.35 3.68 6.67
C GLU A 188 -14.48 2.34 5.97
N GLY A 189 -15.66 1.72 6.03
CA GLY A 189 -15.84 0.43 5.39
C GLY A 189 -15.94 0.55 3.88
N ARG A 190 -16.59 1.60 3.39
CA ARG A 190 -16.60 1.87 1.96
C ARG A 190 -15.18 2.11 1.46
N ILE A 191 -14.41 2.94 2.18
CA ILE A 191 -13.03 3.19 1.81
C ILE A 191 -12.25 1.89 1.75
N GLU A 192 -12.46 1.00 2.73
CA GLU A 192 -11.76 -0.27 2.73
C GLU A 192 -12.15 -1.11 1.52
N GLN A 193 -13.43 -1.10 1.14
CA GLN A 193 -13.85 -1.78 -0.08
C GLN A 193 -13.11 -1.24 -1.31
N TYR A 194 -12.99 0.09 -1.40
CA TYR A 194 -12.32 0.68 -2.54
C TYR A 194 -10.84 0.31 -2.56
N LYS A 195 -10.18 0.40 -1.40
CA LYS A 195 -8.77 0.03 -1.33
C LYS A 195 -8.57 -1.42 -1.71
N ARG A 196 -9.45 -2.30 -1.27
CA ARG A 196 -9.35 -3.72 -1.60
C ARG A 196 -9.50 -3.93 -3.11
N THR A 197 -10.44 -3.22 -3.73
CA THR A 197 -10.58 -3.26 -5.19
C THR A 197 -9.30 -2.78 -5.87
N MET A 198 -8.70 -1.70 -5.38
CA MET A 198 -7.52 -1.17 -6.06
C MET A 198 -6.36 -2.15 -5.94
N PHE A 199 -6.24 -2.81 -4.79
CA PHE A 199 -5.21 -3.84 -4.60
C PHE A 199 -5.40 -5.00 -5.58
N TRP A 200 -6.63 -5.51 -5.69
CA TRP A 200 -6.91 -6.60 -6.62
C TRP A 200 -6.58 -6.20 -8.05
N LEU A 201 -6.93 -4.98 -8.45
CA LEU A 201 -6.62 -4.48 -9.79
C LEU A 201 -5.11 -4.42 -10.04
N GLU A 202 -4.34 -3.91 -9.09
CA GLU A 202 -2.91 -3.72 -9.32
C GLU A 202 -2.10 -4.98 -9.17
N PHE A 203 -2.44 -5.78 -8.19
CA PHE A 203 -1.62 -6.89 -7.76
C PHE A 203 -2.18 -8.27 -8.09
N GLU A 204 -3.41 -8.36 -8.57
CA GLU A 204 -4.01 -9.67 -8.81
C GLU A 204 -4.52 -9.92 -10.23
N ILE A 205 -5.35 -9.02 -10.80
CA ILE A 205 -6.10 -9.41 -12.01
C ILE A 205 -5.15 -9.76 -13.16
N ARG A 206 -4.16 -8.90 -13.44
CA ARG A 206 -3.27 -9.15 -14.58
C ARG A 206 -2.37 -10.36 -14.32
N GLN A 207 -1.78 -10.41 -13.12
CA GLN A 207 -0.87 -11.49 -12.72
C GLN A 207 -1.56 -12.83 -12.75
N TYR A 208 -2.81 -12.89 -12.31
CA TYR A 208 -3.46 -14.20 -12.24
C TYR A 208 -4.12 -14.58 -13.56
N THR A 209 -4.75 -13.63 -14.27
CA THR A 209 -5.46 -13.98 -15.49
C THR A 209 -4.51 -14.29 -16.63
N HIS A 210 -3.25 -13.87 -16.55
CA HIS A 210 -2.25 -14.24 -17.54
C HIS A 210 -1.18 -15.14 -16.93
N SER A 211 -1.54 -15.95 -15.95
CA SER A 211 -0.56 -16.84 -15.34
C SER A 211 -0.37 -18.14 -16.15
N ASN A 212 0.68 -18.90 -15.79
CA ASN A 212 1.14 -19.99 -16.64
C ASN A 212 0.39 -21.27 -16.31
N ILE A 213 -0.76 -21.42 -16.94
CA ILE A 213 -1.56 -22.63 -16.97
C ILE A 213 -1.82 -22.94 -18.45
N THR A 214 -1.59 -24.19 -18.83
CA THR A 214 -1.95 -24.68 -20.15
C THR A 214 -3.03 -25.74 -20.04
N LEU A 215 -3.67 -26.02 -21.19
CA LEU A 215 -4.67 -27.07 -21.22
C LEU A 215 -4.06 -28.42 -20.89
N ASP A 216 -2.75 -28.60 -21.11
CA ASP A 216 -2.09 -29.85 -20.73
C ASP A 216 -2.10 -30.03 -19.20
N ASP A 217 -2.06 -28.95 -18.44
CA ASP A 217 -2.18 -29.07 -17.00
C ASP A 217 -3.50 -29.70 -16.59
N PHE A 218 -4.58 -29.46 -17.35
CA PHE A 218 -5.89 -30.03 -17.00
C PHE A 218 -6.06 -31.47 -17.49
N THR A 219 -5.58 -31.78 -18.70
CA THR A 219 -5.78 -33.13 -19.19
C THR A 219 -5.06 -34.14 -18.31
N LYS A 220 -3.90 -33.79 -17.76
CA LYS A 220 -3.17 -34.73 -16.90
C LYS A 220 -4.04 -35.28 -15.78
N TYR A 221 -4.98 -34.49 -15.25
CA TYR A 221 -5.85 -34.93 -14.15
C TYR A 221 -7.32 -34.64 -14.47
N SER A 222 -7.71 -34.82 -15.74
CA SER A 222 -9.04 -34.44 -16.18
C SER A 222 -10.14 -35.02 -15.30
N ASP A 223 -9.92 -36.21 -14.76
CA ASP A 223 -10.92 -36.92 -13.98
C ASP A 223 -11.32 -36.17 -12.70
N LYS A 224 -10.47 -35.29 -12.20
CA LYS A 224 -10.79 -34.63 -10.95
C LYS A 224 -11.61 -33.36 -11.11
N ILE A 225 -11.70 -32.80 -12.34
CA ILE A 225 -12.09 -31.42 -12.55
C ILE A 225 -13.55 -31.30 -12.91
N THR A 226 -14.23 -30.32 -12.34
CA THR A 226 -15.56 -29.94 -12.82
C THR A 226 -15.52 -28.44 -13.07
N LEU A 227 -16.03 -28.00 -14.21
CA LEU A 227 -16.15 -26.57 -14.53
C LEU A 227 -17.57 -26.14 -14.17
N LEU A 228 -17.70 -24.98 -13.56
CA LEU A 228 -19.00 -24.47 -13.12
C LEU A 228 -19.32 -23.16 -13.79
N ASN A 229 -20.50 -23.09 -14.39
CA ASN A 229 -21.05 -21.87 -14.99
C ASN A 229 -22.32 -21.53 -14.24
N GLY A 230 -22.48 -20.26 -13.87
CA GLY A 230 -23.70 -19.83 -13.26
C GLY A 230 -24.84 -19.70 -14.26
N THR A 231 -26.05 -19.99 -13.79
CA THR A 231 -27.22 -19.87 -14.65
C THR A 231 -27.61 -18.40 -14.89
N ASP A 232 -27.20 -17.49 -14.00
CA ASP A 232 -27.60 -16.10 -14.08
C ASP A 232 -26.49 -15.22 -14.62
N SER A 233 -25.43 -15.81 -15.20
CA SER A 233 -24.27 -15.05 -15.68
C SER A 233 -23.94 -15.45 -17.11
N ARG A 234 -24.94 -15.80 -17.90
CA ARG A 234 -24.68 -16.32 -19.24
C ARG A 234 -24.21 -15.19 -20.15
N GLY A 235 -23.28 -15.52 -21.04
CA GLY A 235 -22.74 -14.57 -21.98
C GLY A 235 -21.50 -13.91 -21.49
N SER A 236 -21.11 -14.19 -20.26
CA SER A 236 -19.95 -13.55 -19.65
C SER A 236 -18.67 -14.27 -20.05
N PHE A 237 -17.57 -13.50 -19.99
CA PHE A 237 -16.28 -13.99 -20.45
C PHE A 237 -15.84 -15.26 -19.73
N PRO A 238 -16.00 -15.39 -18.41
CA PRO A 238 -15.55 -16.64 -17.77
C PRO A 238 -16.27 -17.87 -18.25
N GLN A 239 -17.55 -17.75 -18.63
CA GLN A 239 -18.23 -18.89 -19.22
C GLN A 239 -17.56 -19.31 -20.54
N ASP A 240 -17.10 -18.32 -21.32
CA ASP A 240 -16.42 -18.61 -22.59
C ASP A 240 -15.14 -19.38 -22.33
N VAL A 241 -14.45 -19.05 -21.23
CA VAL A 241 -13.26 -19.81 -20.86
C VAL A 241 -13.61 -21.27 -20.60
N ASN A 242 -14.63 -21.50 -19.76
CA ASN A 242 -15.08 -22.88 -19.49
C ASN A 242 -15.50 -23.59 -20.77
N PHE A 243 -16.21 -22.89 -21.67
CA PHE A 243 -16.62 -23.54 -22.91
C PHE A 243 -15.42 -23.95 -23.72
N TYR A 244 -14.37 -23.12 -23.71
CA TYR A 244 -13.15 -23.48 -24.45
C TYR A 244 -12.47 -24.68 -23.80
N ILE A 245 -12.31 -24.66 -22.46
CA ILE A 245 -11.70 -25.82 -21.81
C ILE A 245 -12.47 -27.06 -22.20
N ASN A 246 -13.80 -27.00 -22.07
CA ASN A 246 -14.61 -28.18 -22.35
C ASN A 246 -14.48 -28.61 -23.80
N LYS A 247 -14.48 -27.63 -24.72
CA LYS A 247 -14.36 -27.98 -26.14
C LYS A 247 -13.08 -28.75 -26.42
N GLU A 248 -11.99 -28.39 -25.76
CA GLU A 248 -10.70 -28.94 -26.11
C GLU A 248 -10.30 -30.12 -25.25
N THR A 249 -10.91 -30.29 -24.09
CA THR A 249 -10.55 -31.36 -23.18
C THR A 249 -11.66 -32.35 -22.93
N GLY A 250 -12.92 -32.00 -23.19
CA GLY A 250 -14.02 -32.83 -22.78
C GLY A 250 -14.33 -32.78 -21.30
N ILE A 251 -13.66 -31.93 -20.54
CA ILE A 251 -13.96 -31.78 -19.11
C ILE A 251 -15.37 -31.23 -18.96
N PRO A 252 -16.21 -31.80 -18.09
CA PRO A 252 -17.62 -31.40 -18.06
C PRO A 252 -17.88 -30.04 -17.41
N ILE A 253 -18.88 -29.35 -17.96
CA ILE A 253 -19.43 -28.13 -17.37
C ILE A 253 -20.70 -28.51 -16.63
N VAL A 254 -20.83 -28.02 -15.41
CA VAL A 254 -22.02 -28.19 -14.62
C VAL A 254 -22.60 -26.79 -14.42
N ASP A 255 -23.88 -26.62 -14.73
CA ASP A 255 -24.53 -25.34 -14.47
C ASP A 255 -24.94 -25.26 -12.99
N ILE A 256 -24.86 -24.07 -12.41
CA ILE A 256 -25.11 -23.90 -10.97
C ILE A 256 -25.76 -22.57 -10.71
N PRO A 257 -26.68 -22.51 -9.75
CA PRO A 257 -27.53 -21.31 -9.63
C PRO A 257 -26.75 -20.04 -9.31
N GLY A 258 -27.28 -18.92 -9.79
CA GLY A 258 -26.70 -17.62 -9.51
C GLY A 258 -25.74 -17.14 -10.58
N GLY A 259 -25.15 -15.98 -10.32
CA GLY A 259 -24.18 -15.36 -11.21
C GLY A 259 -22.74 -15.66 -10.86
N HIS A 260 -21.85 -14.68 -11.14
CA HIS A 260 -20.46 -14.82 -10.74
C HIS A 260 -20.34 -14.96 -9.23
N LEU A 261 -21.31 -14.42 -8.46
CA LEU A 261 -21.35 -14.55 -7.00
C LEU A 261 -22.44 -15.51 -6.52
N GLY A 262 -22.69 -16.57 -7.30
CA GLY A 262 -23.87 -17.38 -7.06
C GLY A 262 -23.89 -18.11 -5.73
N TYR A 263 -22.70 -18.36 -5.15
CA TYR A 263 -22.59 -19.11 -3.91
C TYR A 263 -23.11 -18.32 -2.70
N ILE A 264 -23.22 -17.00 -2.79
CA ILE A 264 -23.88 -16.20 -1.77
C ILE A 264 -25.26 -15.69 -2.21
N GLN A 265 -25.49 -15.57 -3.53
CA GLN A 265 -26.81 -15.16 -4.03
C GLN A 265 -27.85 -16.26 -3.82
N LYS A 266 -27.50 -17.50 -4.16
CA LYS A 266 -28.44 -18.63 -4.10
C LYS A 266 -27.76 -19.77 -3.37
N PRO A 267 -27.38 -19.57 -2.11
CA PRO A 267 -26.57 -20.59 -1.40
C PRO A 267 -27.22 -21.96 -1.36
N GLU A 268 -28.55 -22.04 -1.18
CA GLU A 268 -29.23 -23.34 -1.11
C GLU A 268 -29.11 -24.10 -2.45
N GLY A 269 -29.40 -23.40 -3.56
CA GLY A 269 -29.31 -24.04 -4.85
C GLY A 269 -27.88 -24.41 -5.22
N PHE A 270 -26.92 -23.52 -4.91
CA PHE A 270 -25.52 -23.80 -5.14
C PHE A 270 -25.07 -25.05 -4.39
N ALA A 271 -25.45 -25.16 -3.11
CA ALA A 271 -25.14 -26.35 -2.32
C ALA A 271 -25.74 -27.60 -2.91
N ASP A 272 -27.00 -27.55 -3.34
CA ASP A 272 -27.63 -28.71 -3.94
C ASP A 272 -26.83 -29.28 -5.13
N VAL A 273 -26.26 -28.41 -5.94
CA VAL A 273 -25.51 -28.90 -7.10
C VAL A 273 -24.19 -29.51 -6.65
N LEU A 274 -23.51 -28.87 -5.71
CA LEU A 274 -22.26 -29.41 -5.21
C LEU A 274 -22.48 -30.76 -4.57
N LEU A 275 -23.57 -30.89 -3.81
CA LEU A 275 -23.91 -32.18 -3.19
C LEU A 275 -24.20 -33.26 -4.24
N ASN A 276 -24.93 -32.91 -5.30
CA ASN A 276 -25.11 -33.88 -6.38
C ASN A 276 -23.77 -34.21 -7.00
N MET A 277 -22.98 -33.20 -7.37
CA MET A 277 -21.69 -33.45 -8.01
C MET A 277 -20.81 -34.39 -7.21
N TRP A 278 -20.73 -34.17 -5.90
CA TRP A 278 -19.70 -34.79 -5.06
C TRP A 278 -20.23 -35.69 -3.96
N GLY A 279 -21.55 -35.71 -3.74
CA GLY A 279 -22.15 -36.60 -2.78
C GLY A 279 -21.88 -38.05 -3.13
N GLY B 3 -12.20 -15.21 16.04
CA GLY B 3 -12.98 -16.44 15.83
C GLY B 3 -12.42 -17.37 14.76
N MET B 4 -11.52 -16.86 13.92
CA MET B 4 -11.01 -17.69 12.82
C MET B 4 -9.82 -18.53 13.31
N GLU B 5 -9.55 -19.61 12.59
CA GLU B 5 -8.36 -20.42 12.78
C GLU B 5 -7.17 -19.75 12.08
N THR B 6 -5.99 -20.15 12.49
CA THR B 6 -4.75 -19.53 12.04
C THR B 6 -3.76 -20.62 11.69
N LEU B 7 -3.15 -20.51 10.51
CA LEU B 7 -2.00 -21.34 10.13
C LEU B 7 -0.83 -20.41 9.80
N GLU B 8 0.23 -20.46 10.59
CA GLU B 8 1.38 -19.57 10.33
C GLU B 8 2.24 -20.23 9.26
N LEU B 9 2.42 -19.54 8.13
CA LEU B 9 3.22 -20.01 7.01
C LEU B 9 4.36 -19.03 6.80
N GLN B 10 5.24 -19.32 5.85
CA GLN B 10 6.33 -18.42 5.52
C GLN B 10 5.76 -17.11 4.96
N GLY B 11 6.02 -16.02 5.65
CA GLY B 11 5.58 -14.71 5.24
C GLY B 11 4.18 -14.28 5.65
N ALA B 12 3.41 -15.14 6.35
CA ALA B 12 2.06 -14.71 6.67
C ALA B 12 1.39 -15.61 7.71
N LYS B 13 0.43 -15.02 8.40
CA LYS B 13 -0.53 -15.75 9.23
C LYS B 13 -1.80 -15.89 8.40
N LEU B 14 -2.15 -17.12 8.06
CA LEU B 14 -3.28 -17.42 7.20
C LEU B 14 -4.50 -17.76 8.05
N ARG B 15 -5.56 -16.97 7.90
CA ARG B 15 -6.78 -17.10 8.70
C ARG B 15 -7.88 -17.72 7.86
N TYR B 16 -8.66 -18.61 8.48
CA TYR B 16 -9.70 -19.33 7.78
C TYR B 16 -10.83 -19.68 8.74
N HIS B 17 -12.02 -19.76 8.15
CA HIS B 17 -13.21 -20.27 8.80
C HIS B 17 -13.21 -21.79 8.64
N GLN B 18 -13.64 -22.49 9.67
CA GLN B 18 -13.75 -23.95 9.61
C GLN B 18 -15.05 -24.38 10.27
N VAL B 19 -15.94 -25.06 9.55
CA VAL B 19 -17.12 -25.63 10.19
C VAL B 19 -17.56 -26.88 9.45
N GLY B 20 -18.12 -27.82 10.19
CA GLY B 20 -18.84 -28.91 9.58
C GLY B 20 -18.20 -30.22 9.94
N GLN B 21 -18.50 -31.26 9.17
CA GLN B 21 -18.01 -32.61 9.43
C GLN B 21 -17.94 -33.33 8.08
N GLY B 22 -17.02 -34.28 7.99
CA GLY B 22 -16.86 -35.06 6.79
C GLY B 22 -15.60 -34.63 6.08
N PRO B 23 -15.50 -34.98 4.80
CA PRO B 23 -14.31 -34.59 4.02
C PRO B 23 -14.10 -33.09 3.99
N VAL B 24 -12.82 -32.69 4.01
CA VAL B 24 -12.49 -31.27 3.89
C VAL B 24 -12.81 -30.76 2.50
N LEU B 25 -13.43 -29.58 2.45
CA LEU B 25 -13.70 -28.82 1.25
C LEU B 25 -13.22 -27.40 1.51
N ILE B 26 -12.21 -26.96 0.76
CA ILE B 26 -11.59 -25.63 0.86
C ILE B 26 -12.21 -24.75 -0.22
N PHE B 27 -12.80 -23.64 0.20
CA PHE B 27 -13.26 -22.58 -0.68
C PHE B 27 -12.18 -21.52 -0.80
N ILE B 28 -11.83 -21.19 -2.03
CA ILE B 28 -10.83 -20.17 -2.32
C ILE B 28 -11.55 -18.98 -2.91
N PRO B 29 -11.58 -17.84 -2.23
CA PRO B 29 -12.29 -16.65 -2.72
C PRO B 29 -11.63 -15.99 -3.90
N GLY B 30 -12.48 -15.36 -4.72
CA GLY B 30 -12.03 -14.54 -5.84
C GLY B 30 -11.77 -13.08 -5.44
N ALA B 31 -12.43 -12.13 -6.11
CA ALA B 31 -11.95 -10.74 -6.07
C ALA B 31 -12.03 -10.11 -4.68
N ASN B 32 -12.98 -10.55 -3.86
CA ASN B 32 -13.11 -10.02 -2.50
C ASN B 32 -12.06 -10.59 -1.56
N GLY B 33 -11.39 -11.68 -1.92
CA GLY B 33 -10.26 -12.19 -1.15
C GLY B 33 -10.55 -12.86 0.17
N THR B 34 -11.79 -12.91 0.64
CA THR B 34 -12.07 -13.35 2.00
C THR B 34 -13.12 -14.45 2.01
N GLY B 35 -13.01 -15.32 3.02
CA GLY B 35 -13.85 -16.50 3.09
C GLY B 35 -15.25 -16.32 3.65
N ASP B 36 -15.51 -15.18 4.31
CA ASP B 36 -16.85 -14.90 4.83
C ASP B 36 -17.92 -14.97 3.76
N ILE B 37 -17.58 -14.66 2.51
CA ILE B 37 -18.55 -14.71 1.42
C ILE B 37 -19.08 -16.12 1.18
N PHE B 38 -18.38 -17.15 1.69
CA PHE B 38 -18.83 -18.52 1.59
C PHE B 38 -19.56 -19.04 2.82
N LEU B 39 -19.79 -18.24 3.84
CA LEU B 39 -20.34 -18.80 5.07
C LEU B 39 -21.81 -19.22 4.90
N PRO B 40 -22.63 -18.46 4.17
CA PRO B 40 -24.00 -18.96 3.92
C PRO B 40 -24.01 -20.31 3.21
N LEU B 41 -23.14 -20.47 2.21
CA LEU B 41 -23.01 -21.75 1.54
C LEU B 41 -22.48 -22.82 2.50
N ALA B 42 -21.50 -22.46 3.35
CA ALA B 42 -21.01 -23.39 4.37
C ALA B 42 -22.13 -23.89 5.27
N GLU B 43 -23.05 -23.01 5.67
CA GLU B 43 -24.15 -23.45 6.53
C GLU B 43 -24.99 -24.53 5.86
N GLN B 44 -25.13 -24.47 4.52
CA GLN B 44 -25.89 -25.46 3.76
C GLN B 44 -25.17 -26.79 3.62
N LEU B 45 -23.83 -26.78 3.73
CA LEU B 45 -23.00 -27.93 3.44
C LEU B 45 -22.40 -28.62 4.67
N LYS B 46 -22.49 -28.02 5.86
CA LYS B 46 -21.66 -28.44 6.98
C LYS B 46 -22.01 -29.81 7.51
N ASP B 47 -23.18 -30.36 7.19
CA ASP B 47 -23.47 -31.71 7.64
C ASP B 47 -22.77 -32.76 6.78
N HIS B 48 -22.22 -32.36 5.63
CA HIS B 48 -21.62 -33.26 4.67
C HIS B 48 -20.15 -33.03 4.44
N PHE B 49 -19.66 -31.83 4.65
CA PHE B 49 -18.25 -31.52 4.46
C PHE B 49 -17.73 -30.72 5.65
N THR B 50 -16.44 -30.89 5.94
CA THR B 50 -15.71 -29.96 6.79
C THR B 50 -15.31 -28.78 5.89
N VAL B 51 -16.09 -27.70 5.97
CA VAL B 51 -15.93 -26.58 5.08
C VAL B 51 -14.86 -25.65 5.65
N VAL B 52 -13.89 -25.30 4.81
CA VAL B 52 -12.78 -24.42 5.14
C VAL B 52 -12.82 -23.28 4.14
N ALA B 53 -13.02 -22.05 4.63
CA ALA B 53 -13.17 -20.89 3.77
C ALA B 53 -12.06 -19.93 4.15
N VAL B 54 -11.16 -19.65 3.21
CA VAL B 54 -9.88 -19.03 3.50
C VAL B 54 -9.96 -17.55 3.25
N ASP B 55 -9.30 -16.77 4.12
CA ASP B 55 -8.93 -15.38 3.78
C ASP B 55 -7.56 -15.46 3.12
N ARG B 56 -7.46 -15.19 1.82
CA ARG B 56 -6.12 -15.32 1.22
C ARG B 56 -5.20 -14.28 1.89
N ARG B 57 -3.88 -14.54 1.84
CA ARG B 57 -2.96 -13.95 2.81
C ARG B 57 -2.86 -12.42 2.72
N ASP B 58 -3.16 -11.83 1.57
CA ASP B 58 -3.19 -10.39 1.45
C ASP B 58 -4.51 -9.76 1.83
N TYR B 59 -5.48 -10.52 2.35
CA TYR B 59 -6.82 -10.00 2.55
C TYR B 59 -7.37 -10.33 3.93
N GLY B 60 -8.39 -9.56 4.34
CA GLY B 60 -9.16 -9.85 5.53
C GLY B 60 -8.33 -9.99 6.80
N GLU B 61 -8.60 -11.06 7.56
CA GLU B 61 -7.96 -11.30 8.85
C GLU B 61 -6.62 -11.97 8.70
N SER B 62 -6.24 -12.40 7.51
CA SER B 62 -4.89 -12.89 7.32
C SER B 62 -3.94 -11.70 7.40
N GLU B 63 -2.68 -11.98 7.69
CA GLU B 63 -1.73 -10.87 7.78
C GLU B 63 -0.35 -11.28 7.35
N LEU B 64 0.28 -10.40 6.62
CA LEU B 64 1.65 -10.63 6.19
C LEU B 64 2.59 -10.38 7.35
N THR B 65 3.64 -11.18 7.42
CA THR B 65 4.70 -11.00 8.39
C THR B 65 6.01 -10.51 7.76
N GLU B 66 6.11 -10.53 6.43
CA GLU B 66 7.13 -9.95 5.58
C GLU B 66 6.43 -9.17 4.47
N PRO B 67 7.04 -8.09 4.00
CA PRO B 67 6.39 -7.27 2.95
C PRO B 67 6.37 -8.01 1.63
N LEU B 68 5.43 -7.63 0.78
CA LEU B 68 5.45 -8.11 -0.60
C LEU B 68 6.71 -7.66 -1.30
N PRO B 69 7.29 -8.49 -2.17
CA PRO B 69 8.40 -8.01 -3.00
C PRO B 69 7.95 -6.84 -3.85
N ASP B 70 8.86 -5.87 -4.05
CA ASP B 70 8.52 -4.73 -4.89
C ASP B 70 8.05 -5.19 -6.29
N SER B 71 8.58 -6.33 -6.75
CA SER B 71 8.25 -6.91 -8.05
C SER B 71 6.80 -7.37 -8.21
N ALA B 72 6.06 -7.47 -7.12
CA ALA B 72 4.68 -7.94 -7.20
C ALA B 72 3.78 -6.97 -7.99
N SER B 73 4.11 -5.67 -8.02
CA SER B 73 3.30 -4.77 -8.83
C SER B 73 3.56 -4.92 -10.32
N ASN B 74 4.57 -5.68 -10.69
CA ASN B 74 4.80 -5.98 -12.11
C ASN B 74 3.67 -6.88 -12.61
N PRO B 75 3.02 -6.55 -13.74
CA PRO B 75 1.94 -7.44 -14.22
C PRO B 75 2.40 -8.86 -14.56
N ASP B 76 3.69 -9.11 -14.81
CA ASP B 76 4.15 -10.46 -15.14
C ASP B 76 4.70 -11.23 -13.93
N SER B 77 4.53 -10.69 -12.72
CA SER B 77 4.95 -11.41 -11.52
C SER B 77 4.04 -12.63 -11.24
N ASP B 78 4.66 -13.76 -10.94
CA ASP B 78 3.94 -14.95 -10.51
C ASP B 78 4.08 -15.22 -9.01
N TYR B 79 4.69 -14.28 -8.26
CA TYR B 79 4.91 -14.52 -6.83
C TYR B 79 3.58 -14.79 -6.10
N ARG B 80 2.59 -13.91 -6.26
CA ARG B 80 1.42 -14.01 -5.39
C ARG B 80 0.58 -15.25 -5.72
N VAL B 81 0.42 -15.58 -7.02
CA VAL B 81 -0.47 -16.70 -7.38
C VAL B 81 0.12 -18.01 -6.91
N LYS B 82 1.43 -18.13 -7.02
CA LYS B 82 2.17 -19.31 -6.57
C LYS B 82 2.17 -19.42 -5.05
N ARG B 83 2.37 -18.29 -4.34
CA ARG B 83 2.31 -18.31 -2.88
C ARG B 83 0.89 -18.62 -2.40
N ASP B 84 -0.13 -18.08 -3.07
CA ASP B 84 -1.50 -18.45 -2.71
C ASP B 84 -1.72 -19.96 -2.88
N ALA B 85 -1.20 -20.54 -3.98
CA ALA B 85 -1.42 -21.96 -4.23
C ALA B 85 -0.70 -22.79 -3.18
N GLN B 86 0.51 -22.38 -2.82
CA GLN B 86 1.22 -23.07 -1.77
C GLN B 86 0.49 -22.95 -0.42
N ASP B 87 -0.08 -21.79 -0.11
CA ASP B 87 -0.88 -21.63 1.12
C ASP B 87 -1.99 -22.68 1.19
N ILE B 88 -2.72 -22.86 0.08
CA ILE B 88 -3.81 -23.83 0.05
C ILE B 88 -3.27 -25.24 0.28
N ALA B 89 -2.17 -25.60 -0.40
CA ALA B 89 -1.66 -26.96 -0.27
C ALA B 89 -1.18 -27.23 1.16
N GLU B 90 -0.53 -26.23 1.78
CA GLU B 90 -0.10 -26.41 3.18
C GLU B 90 -1.29 -26.50 4.11
N LEU B 91 -2.34 -25.71 3.82
CA LEU B 91 -3.53 -25.77 4.65
C LEU B 91 -4.19 -27.13 4.54
N ALA B 92 -4.30 -27.64 3.31
CA ALA B 92 -4.86 -28.98 3.07
C ALA B 92 -4.10 -30.05 3.85
N LYS B 93 -2.77 -30.02 3.79
CA LYS B 93 -1.95 -30.98 4.52
C LYS B 93 -2.06 -30.82 6.02
N SER B 94 -2.33 -29.61 6.52
CA SER B 94 -2.48 -29.46 7.96
C SER B 94 -3.81 -30.02 8.47
N LEU B 95 -4.81 -30.17 7.61
CA LEU B 95 -6.16 -30.56 8.02
C LEU B 95 -6.53 -31.98 7.68
N SER B 96 -5.89 -32.60 6.69
CA SER B 96 -6.30 -33.92 6.23
C SER B 96 -5.08 -34.72 5.78
N ASP B 97 -5.07 -36.00 6.12
CA ASP B 97 -4.00 -36.86 5.63
C ASP B 97 -4.23 -37.32 4.21
N GLU B 98 -5.48 -37.21 3.75
CA GLU B 98 -6.00 -37.63 2.47
C GLU B 98 -6.21 -36.42 1.57
N PRO B 99 -6.21 -36.59 0.26
CA PRO B 99 -6.48 -35.44 -0.61
C PRO B 99 -7.88 -34.87 -0.37
N VAL B 100 -8.05 -33.58 -0.66
CA VAL B 100 -9.25 -32.86 -0.26
C VAL B 100 -10.00 -32.32 -1.49
N TYR B 101 -11.23 -31.89 -1.23
CA TYR B 101 -12.05 -31.23 -2.23
C TYR B 101 -11.70 -29.74 -2.24
N ILE B 102 -11.63 -29.14 -3.44
CA ILE B 102 -11.35 -27.72 -3.55
C ILE B 102 -12.32 -27.09 -4.54
N LEU B 103 -12.87 -25.91 -4.17
CA LEU B 103 -13.58 -25.04 -5.10
C LEU B 103 -13.04 -23.63 -5.02
N GLY B 104 -12.61 -23.09 -6.14
CA GLY B 104 -12.25 -21.68 -6.23
C GLY B 104 -13.20 -20.96 -7.15
N SER B 105 -13.46 -19.69 -6.84
CA SER B 105 -14.23 -18.85 -7.74
C SER B 105 -13.39 -17.72 -8.33
N SER B 106 -13.53 -17.52 -9.63
CA SER B 106 -13.01 -16.36 -10.37
C SER B 106 -11.49 -16.44 -10.17
N SER B 107 -10.84 -15.38 -9.70
CA SER B 107 -9.39 -15.43 -9.53
C SER B 107 -9.00 -16.49 -8.53
N GLY B 108 -9.87 -16.81 -7.55
CA GLY B 108 -9.60 -17.95 -6.67
C GLY B 108 -9.66 -19.29 -7.37
N SER B 109 -10.36 -19.38 -8.51
CA SER B 109 -10.27 -20.62 -9.27
C SER B 109 -8.96 -20.72 -10.03
N ILE B 110 -8.32 -19.58 -10.29
CA ILE B 110 -6.99 -19.60 -10.88
C ILE B 110 -6.00 -20.09 -9.83
N VAL B 111 -6.17 -19.68 -8.57
CA VAL B 111 -5.35 -20.27 -7.49
C VAL B 111 -5.52 -21.79 -7.50
N ALA B 112 -6.78 -22.24 -7.55
CA ALA B 112 -7.05 -23.68 -7.56
C ALA B 112 -6.34 -24.39 -8.72
N MET B 113 -6.29 -23.75 -9.90
CA MET B 113 -5.58 -24.37 -11.00
C MET B 113 -4.11 -24.55 -10.68
N HIS B 114 -3.52 -23.56 -10.01
CA HIS B 114 -2.12 -23.71 -9.66
C HIS B 114 -1.92 -24.71 -8.52
N VAL B 115 -2.94 -24.91 -7.68
CA VAL B 115 -2.81 -25.96 -6.67
C VAL B 115 -2.76 -27.31 -7.36
N LEU B 116 -3.63 -27.52 -8.35
CA LEU B 116 -3.64 -28.78 -9.07
C LEU B 116 -2.37 -28.97 -9.87
N LYS B 117 -1.83 -27.89 -10.44
CA LYS B 117 -0.61 -27.98 -11.24
C LYS B 117 0.58 -28.37 -10.39
N ASP B 118 0.76 -27.68 -9.28
CA ASP B 118 1.99 -27.78 -8.50
C ASP B 118 1.86 -28.72 -7.33
N TYR B 119 0.67 -28.95 -6.79
CA TYR B 119 0.50 -29.82 -5.62
C TYR B 119 -0.66 -30.80 -5.83
N PRO B 120 -0.66 -31.56 -6.93
CA PRO B 120 -1.82 -32.43 -7.22
C PRO B 120 -2.09 -33.46 -6.12
N GLU B 121 -1.10 -33.75 -5.24
CA GLU B 121 -1.29 -34.76 -4.22
C GLU B 121 -2.27 -34.31 -3.13
N VAL B 122 -2.63 -33.03 -3.06
CA VAL B 122 -3.64 -32.61 -2.10
C VAL B 122 -5.03 -32.56 -2.71
N VAL B 123 -5.18 -32.85 -4.00
CA VAL B 123 -6.44 -32.64 -4.68
C VAL B 123 -7.15 -33.98 -4.88
N LYS B 124 -8.33 -34.12 -4.26
CA LYS B 124 -9.17 -35.28 -4.55
C LYS B 124 -10.13 -34.95 -5.70
N LYS B 125 -10.91 -33.89 -5.56
CA LYS B 125 -11.74 -33.35 -6.64
C LYS B 125 -11.65 -31.83 -6.57
N ILE B 126 -11.83 -31.15 -7.72
CA ILE B 126 -11.66 -29.71 -7.81
C ILE B 126 -12.71 -29.13 -8.75
N ALA B 127 -13.23 -27.97 -8.39
CA ALA B 127 -14.18 -27.24 -9.21
C ALA B 127 -13.65 -25.85 -9.50
N PHE B 128 -13.73 -25.45 -10.79
CA PHE B 128 -13.35 -24.12 -11.27
C PHE B 128 -14.65 -23.38 -11.59
N HIS B 129 -15.00 -22.44 -10.72
CA HIS B 129 -16.21 -21.66 -10.90
C HIS B 129 -15.87 -20.37 -11.64
N GLU B 130 -16.29 -20.27 -12.91
CA GLU B 130 -16.17 -19.07 -13.72
C GLU B 130 -14.76 -18.49 -13.65
N PRO B 131 -13.76 -19.22 -14.15
CA PRO B 131 -12.39 -18.74 -14.18
C PRO B 131 -12.20 -17.68 -15.24
N PRO B 132 -11.48 -16.60 -14.92
CA PRO B 132 -11.24 -15.57 -15.94
C PRO B 132 -9.87 -15.64 -16.58
N ILE B 133 -9.22 -16.78 -16.51
CA ILE B 133 -7.87 -16.87 -17.06
C ILE B 133 -7.90 -16.90 -18.59
N ASN B 134 -6.95 -16.19 -19.20
CA ASN B 134 -6.93 -16.06 -20.65
C ASN B 134 -5.70 -16.70 -21.29
N THR B 135 -4.75 -17.19 -20.48
CA THR B 135 -3.42 -17.50 -21.00
C THR B 135 -3.45 -18.54 -22.10
N PHE B 136 -4.28 -19.58 -21.97
CA PHE B 136 -4.34 -20.61 -22.99
C PHE B 136 -5.43 -20.37 -24.03
N LEU B 137 -6.06 -19.22 -24.04
CA LEU B 137 -7.11 -18.98 -25.04
C LEU B 137 -6.50 -18.55 -26.37
N PRO B 138 -7.16 -18.87 -27.48
CA PRO B 138 -6.78 -18.25 -28.76
C PRO B 138 -6.79 -16.73 -28.61
N ASP B 139 -5.78 -16.11 -29.17
CA ASP B 139 -5.63 -14.66 -29.13
C ASP B 139 -5.56 -14.13 -27.71
N SER B 140 -5.03 -14.95 -26.81
CA SER B 140 -4.80 -14.55 -25.43
C SER B 140 -4.23 -13.14 -25.33
N THR B 141 -3.41 -12.74 -26.31
CA THR B 141 -2.76 -11.44 -26.22
C THR B 141 -3.75 -10.29 -26.24
N TYR B 142 -4.84 -10.42 -27.02
CA TYR B 142 -5.87 -9.38 -26.99
C TYR B 142 -6.40 -9.17 -25.56
N TRP B 143 -6.73 -10.28 -24.88
CA TRP B 143 -7.33 -10.17 -23.56
C TRP B 143 -6.33 -9.68 -22.53
N LYS B 144 -5.07 -10.09 -22.65
CA LYS B 144 -4.04 -9.62 -21.76
C LYS B 144 -3.86 -8.11 -21.90
N ASP B 145 -3.77 -7.63 -23.15
CA ASP B 145 -3.54 -6.21 -23.41
C ASP B 145 -4.72 -5.36 -22.97
N LYS B 146 -5.94 -5.87 -23.15
CA LYS B 146 -7.13 -5.16 -22.68
C LYS B 146 -7.12 -5.01 -21.16
N ASN B 147 -6.88 -6.11 -20.43
CA ASN B 147 -6.82 -6.02 -18.96
C ASN B 147 -5.70 -5.06 -18.51
N ASP B 148 -4.54 -5.10 -19.18
CA ASP B 148 -3.50 -4.16 -18.81
C ASP B 148 -3.95 -2.71 -19.05
N ASP B 149 -4.61 -2.45 -20.18
CA ASP B 149 -5.07 -1.10 -20.46
C ASP B 149 -6.11 -0.65 -19.45
N ILE B 150 -7.00 -1.57 -19.03
CA ILE B 150 -8.05 -1.26 -18.08
C ILE B 150 -7.46 -0.87 -16.73
N VAL B 151 -6.59 -1.73 -16.19
CA VAL B 151 -5.97 -1.46 -14.90
C VAL B 151 -5.17 -0.17 -14.95
N HIS B 152 -4.38 0.04 -15.99
CA HIS B 152 -3.63 1.27 -16.11
C HIS B 152 -4.55 2.48 -16.08
N GLN B 153 -5.68 2.40 -16.79
CA GLN B 153 -6.58 3.54 -16.85
C GLN B 153 -7.25 3.77 -15.50
N ILE B 154 -7.61 2.70 -14.79
CA ILE B 154 -8.27 2.90 -13.50
C ILE B 154 -7.30 3.54 -12.52
N LEU B 155 -6.14 2.91 -12.32
CA LEU B 155 -5.19 3.39 -11.33
C LEU B 155 -4.70 4.79 -11.66
N THR B 156 -4.41 5.09 -12.93
CA THR B 156 -3.88 6.41 -13.24
C THR B 156 -4.96 7.49 -13.18
N GLU B 157 -6.20 7.20 -13.59
CA GLU B 157 -7.25 8.19 -13.43
C GLU B 157 -7.58 8.46 -11.95
N GLY B 158 -7.57 7.42 -11.09
CA GLY B 158 -7.71 7.65 -9.66
C GLY B 158 -6.59 8.50 -9.06
N LEU B 159 -5.35 8.18 -9.39
CA LEU B 159 -4.23 8.96 -8.89
C LEU B 159 -4.31 10.41 -9.37
N GLU B 160 -4.63 10.61 -10.65
CA GLU B 160 -4.72 11.95 -11.20
C GLU B 160 -5.83 12.77 -10.53
N LYS B 161 -6.99 12.16 -10.29
CA LYS B 161 -8.03 12.88 -9.55
C LYS B 161 -7.56 13.23 -8.14
N GLY B 162 -6.92 12.28 -7.44
CA GLY B 162 -6.40 12.59 -6.11
C GLY B 162 -5.40 13.74 -6.16
N MET B 163 -4.51 13.72 -7.13
CA MET B 163 -3.52 14.80 -7.24
C MET B 163 -4.22 16.11 -7.55
N LYS B 164 -5.27 16.06 -8.39
CA LYS B 164 -6.00 17.27 -8.76
C LYS B 164 -6.65 17.89 -7.54
N THR B 165 -7.31 17.04 -6.73
CA THR B 165 -7.97 17.50 -5.50
C THR B 165 -6.96 18.04 -4.49
N PHE B 166 -5.82 17.36 -4.36
CA PHE B 166 -4.72 17.87 -3.54
C PHE B 166 -4.32 19.28 -4.00
N GLY B 167 -4.13 19.45 -5.32
CA GLY B 167 -3.70 20.73 -5.84
C GLY B 167 -4.66 21.85 -5.50
N GLU B 168 -5.96 21.56 -5.53
CA GLU B 168 -7.00 22.56 -5.23
C GLU B 168 -6.98 23.00 -3.78
N THR B 169 -6.39 22.22 -2.86
CA THR B 169 -6.38 22.58 -1.46
C THR B 169 -5.16 23.40 -1.07
N LEU B 170 -4.19 23.55 -1.97
CA LEU B 170 -2.90 24.12 -1.60
C LEU B 170 -2.95 25.65 -1.65
N ASN B 171 -2.63 26.29 -0.52
CA ASN B 171 -2.34 27.71 -0.45
C ASN B 171 -0.83 27.81 -0.31
N ILE B 172 -0.12 27.87 -1.44
CA ILE B 172 1.33 27.83 -1.44
C ILE B 172 1.88 29.00 -2.27
N ALA B 173 3.19 29.27 -2.10
CA ALA B 173 3.80 30.46 -2.66
C ALA B 173 4.18 30.26 -4.13
N PRO B 174 4.17 31.35 -4.91
CA PRO B 174 4.51 31.21 -6.33
C PRO B 174 5.74 30.37 -6.65
N ILE B 175 6.83 30.56 -5.94
CA ILE B 175 8.06 29.87 -6.28
C ILE B 175 7.88 28.36 -6.07
N ASP B 176 7.14 27.98 -5.02
CA ASP B 176 6.96 26.56 -4.74
C ASP B 176 6.00 25.94 -5.75
N ALA B 177 4.92 26.64 -6.07
CA ALA B 177 3.99 26.14 -7.08
C ALA B 177 4.67 25.93 -8.43
N LYS B 178 5.52 26.91 -8.84
CA LYS B 178 6.23 26.79 -10.11
C LYS B 178 7.03 25.50 -10.15
N MET B 179 7.59 25.11 -9.02
CA MET B 179 8.34 23.87 -9.00
C MET B 179 7.44 22.65 -8.94
N MET B 180 6.39 22.70 -8.11
CA MET B 180 5.42 21.61 -8.06
C MET B 180 4.84 21.31 -9.44
N SER B 181 4.66 22.36 -10.25
CA SER B 181 4.01 22.27 -11.55
C SER B 181 4.91 21.71 -12.63
N GLN B 182 6.19 21.49 -12.35
CA GLN B 182 7.09 21.06 -13.40
C GLN B 182 6.95 19.55 -13.60
N PRO B 183 6.71 19.10 -14.84
CA PRO B 183 6.43 17.68 -15.06
C PRO B 183 7.66 16.82 -14.85
N ALA B 184 7.44 15.60 -14.38
CA ALA B 184 8.53 14.65 -14.33
C ALA B 184 8.78 14.12 -15.74
N ASP B 185 10.03 13.78 -16.01
CA ASP B 185 10.40 13.45 -17.39
C ASP B 185 9.67 12.22 -17.90
N THR B 186 9.49 11.20 -17.06
CA THR B 186 8.92 9.93 -17.50
C THR B 186 7.50 9.76 -16.96
N GLU B 187 6.71 8.95 -17.68
CA GLU B 187 5.41 8.55 -17.17
C GLU B 187 5.56 7.74 -15.88
N GLU B 188 6.58 6.89 -15.82
CA GLU B 188 6.84 6.14 -14.59
C GLU B 188 7.15 7.07 -13.44
N GLY B 189 7.89 8.17 -13.72
CA GLY B 189 8.25 9.11 -12.69
C GLY B 189 7.10 9.97 -12.20
N ARG B 190 6.26 10.43 -13.13
CA ARG B 190 4.97 11.00 -12.76
C ARG B 190 4.24 10.12 -11.75
N ILE B 191 3.93 8.88 -12.16
CA ILE B 191 3.14 7.99 -11.32
C ILE B 191 3.81 7.75 -9.97
N GLU B 192 5.13 7.61 -9.97
CA GLU B 192 5.82 7.41 -8.70
C GLU B 192 5.67 8.63 -7.80
N GLN B 193 5.80 9.84 -8.36
CA GLN B 193 5.55 11.05 -7.59
C GLN B 193 4.13 11.05 -7.02
N TYR B 194 3.15 10.58 -7.82
CA TYR B 194 1.77 10.56 -7.37
C TYR B 194 1.56 9.57 -6.24
N LYS B 195 2.14 8.38 -6.36
CA LYS B 195 2.04 7.37 -5.30
C LYS B 195 2.71 7.88 -4.04
N ARG B 196 3.86 8.51 -4.18
CA ARG B 196 4.54 9.05 -3.02
C ARG B 196 3.70 10.10 -2.33
N THR B 197 3.04 10.96 -3.10
CA THR B 197 2.18 11.97 -2.49
C THR B 197 1.03 11.31 -1.74
N MET B 198 0.45 10.23 -2.31
CA MET B 198 -0.69 9.62 -1.63
C MET B 198 -0.24 8.94 -0.34
N PHE B 199 0.96 8.35 -0.34
CA PHE B 199 1.47 7.78 0.89
C PHE B 199 1.67 8.86 1.96
N TRP B 200 2.32 9.96 1.59
CA TRP B 200 2.54 11.05 2.54
C TRP B 200 1.22 11.56 3.07
N LEU B 201 0.21 11.66 2.22
CA LEU B 201 -1.08 12.15 2.70
C LEU B 201 -1.70 11.21 3.74
N GLU B 202 -1.70 9.92 3.48
CA GLU B 202 -2.42 8.99 4.34
C GLU B 202 -1.64 8.64 5.59
N PHE B 203 -0.32 8.50 5.46
CA PHE B 203 0.48 7.89 6.50
C PHE B 203 1.45 8.84 7.17
N GLU B 204 1.55 10.10 6.70
CA GLU B 204 2.51 11.01 7.27
C GLU B 204 1.93 12.32 7.77
N ILE B 205 1.16 13.06 6.97
CA ILE B 205 0.91 14.46 7.34
C ILE B 205 0.14 14.56 8.66
N ARG B 206 -0.97 13.82 8.81
CA ARG B 206 -1.76 13.99 10.02
C ARG B 206 -1.00 13.51 11.25
N GLN B 207 -0.29 12.38 11.09
CA GLN B 207 0.41 11.73 12.18
C GLN B 207 1.57 12.57 12.66
N TYR B 208 2.29 13.21 11.75
CA TYR B 208 3.44 14.01 12.15
C TYR B 208 3.03 15.40 12.63
N THR B 209 2.09 16.05 11.92
CA THR B 209 1.71 17.41 12.28
C THR B 209 0.95 17.48 13.59
N HIS B 210 0.36 16.38 14.05
CA HIS B 210 -0.26 16.38 15.38
C HIS B 210 0.47 15.47 16.33
N SER B 211 1.78 15.35 16.18
CA SER B 211 2.55 14.48 17.07
C SER B 211 2.91 15.20 18.38
N ASN B 212 3.43 14.42 19.32
CA ASN B 212 3.56 14.91 20.68
C ASN B 212 4.87 15.67 20.86
N ILE B 213 4.83 16.94 20.45
CA ILE B 213 5.87 17.93 20.73
C ILE B 213 5.20 19.07 21.47
N THR B 214 5.86 19.56 22.52
CA THR B 214 5.39 20.69 23.29
C THR B 214 6.45 21.80 23.26
N LEU B 215 6.06 23.01 23.63
CA LEU B 215 7.04 24.09 23.65
C LEU B 215 8.12 23.82 24.70
N ASP B 216 7.73 23.24 25.84
CA ASP B 216 8.72 22.83 26.85
C ASP B 216 9.85 22.03 26.19
N ASP B 217 9.54 21.20 25.19
CA ASP B 217 10.58 20.41 24.51
C ASP B 217 11.62 21.32 23.84
N PHE B 218 11.18 22.46 23.30
CA PHE B 218 12.12 23.40 22.66
C PHE B 218 12.89 24.24 23.67
N THR B 219 12.22 24.76 24.71
CA THR B 219 12.92 25.57 25.70
C THR B 219 14.00 24.76 26.42
N LYS B 220 13.82 23.46 26.55
CA LYS B 220 14.80 22.63 27.26
C LYS B 220 16.15 22.62 26.56
N TYR B 221 16.16 22.82 25.24
CA TYR B 221 17.41 22.87 24.49
C TYR B 221 17.47 24.10 23.59
N SER B 222 17.00 25.25 24.09
CA SER B 222 16.76 26.38 23.20
C SER B 222 18.04 26.83 22.51
N ASP B 223 19.21 26.69 23.15
CA ASP B 223 20.41 27.26 22.54
C ASP B 223 20.94 26.40 21.40
N LYS B 224 20.35 25.23 21.18
CA LYS B 224 20.72 24.37 20.05
C LYS B 224 19.96 24.70 18.78
N ILE B 225 18.84 25.42 18.87
CA ILE B 225 17.81 25.45 17.83
C ILE B 225 17.85 26.75 17.05
N THR B 226 17.73 26.65 15.73
CA THR B 226 17.45 27.75 14.83
C THR B 226 16.17 27.43 14.05
N LEU B 227 15.23 28.36 14.04
CA LEU B 227 14.03 28.28 13.22
C LEU B 227 14.29 29.01 11.91
N LEU B 228 13.86 28.43 10.79
CA LEU B 228 14.17 28.99 9.47
C LEU B 228 12.87 29.31 8.71
N ASN B 229 12.73 30.56 8.27
CA ASN B 229 11.61 30.99 7.41
C ASN B 229 12.13 31.39 6.01
N GLY B 230 11.48 30.88 4.97
CA GLY B 230 11.84 31.29 3.61
C GLY B 230 11.46 32.72 3.31
N THR B 231 12.29 33.36 2.50
CA THR B 231 12.02 34.73 2.09
C THR B 231 10.95 34.81 1.02
N ASP B 232 10.66 33.71 0.35
CA ASP B 232 9.70 33.72 -0.76
C ASP B 232 8.41 33.01 -0.40
N SER B 233 8.25 32.58 0.86
CA SER B 233 7.05 31.89 1.30
C SER B 233 6.34 32.64 2.42
N ARG B 234 6.44 33.96 2.43
CA ARG B 234 5.81 34.74 3.49
C ARG B 234 4.30 34.57 3.45
N GLY B 235 3.69 34.52 4.64
CA GLY B 235 2.26 34.34 4.76
C GLY B 235 1.81 32.90 4.82
N SER B 236 2.72 31.96 4.78
CA SER B 236 2.37 30.55 4.82
C SER B 236 2.23 30.05 6.25
N PHE B 237 1.46 28.98 6.40
CA PHE B 237 1.18 28.43 7.73
C PHE B 237 2.46 28.08 8.49
N PRO B 238 3.44 27.40 7.89
CA PRO B 238 4.66 27.07 8.65
C PRO B 238 5.40 28.29 9.17
N GLN B 239 5.31 29.43 8.49
CA GLN B 239 5.93 30.62 9.07
C GLN B 239 5.18 31.05 10.33
N ASP B 240 3.84 30.95 10.33
CA ASP B 240 3.09 31.28 11.53
C ASP B 240 3.53 30.40 12.69
N VAL B 241 3.83 29.13 12.41
CA VAL B 241 4.30 28.22 13.46
C VAL B 241 5.60 28.70 14.04
N ASN B 242 6.56 29.06 13.18
CA ASN B 242 7.83 29.56 13.68
C ASN B 242 7.64 30.84 14.49
N PHE B 243 6.80 31.75 14.00
CA PHE B 243 6.56 32.98 14.77
C PHE B 243 6.02 32.68 16.15
N TYR B 244 5.17 31.67 16.28
CA TYR B 244 4.60 31.33 17.57
C TYR B 244 5.66 30.74 18.50
N ILE B 245 6.50 29.84 17.96
CA ILE B 245 7.56 29.26 18.77
C ILE B 245 8.49 30.35 19.27
N ASN B 246 8.88 31.25 18.37
CA ASN B 246 9.73 32.36 18.76
C ASN B 246 9.04 33.26 19.78
N LYS B 247 7.76 33.50 19.60
CA LYS B 247 7.04 34.34 20.55
C LYS B 247 7.07 33.75 21.94
N GLU B 248 7.01 32.42 22.03
CA GLU B 248 6.81 31.76 23.31
C GLU B 248 8.12 31.35 23.96
N THR B 249 9.20 31.23 23.21
CA THR B 249 10.44 30.67 23.72
C THR B 249 11.63 31.59 23.58
N GLY B 250 11.55 32.66 22.78
CA GLY B 250 12.73 33.46 22.48
C GLY B 250 13.64 32.84 21.44
N ILE B 251 13.36 31.63 20.99
CA ILE B 251 14.28 30.98 20.04
C ILE B 251 14.30 31.76 18.74
N PRO B 252 15.47 32.02 18.15
CA PRO B 252 15.53 32.97 17.04
C PRO B 252 15.03 32.38 15.72
N ILE B 253 14.52 33.27 14.90
CA ILE B 253 14.16 32.97 13.51
C ILE B 253 15.24 33.57 12.63
N VAL B 254 15.71 32.79 11.67
CA VAL B 254 16.63 33.22 10.63
C VAL B 254 15.87 33.15 9.30
N ASP B 255 15.89 34.24 8.55
CA ASP B 255 15.35 34.23 7.20
C ASP B 255 16.34 33.57 6.23
N ILE B 256 15.83 32.82 5.26
CA ILE B 256 16.70 32.06 4.36
C ILE B 256 16.09 32.06 2.95
N PRO B 257 16.89 32.20 1.89
CA PRO B 257 16.28 32.37 0.55
C PRO B 257 15.41 31.20 0.12
N GLY B 258 14.46 31.53 -0.76
CA GLY B 258 13.55 30.54 -1.30
C GLY B 258 12.26 30.43 -0.53
N GLY B 259 11.41 29.53 -0.99
CA GLY B 259 10.15 29.21 -0.31
C GLY B 259 10.26 27.96 0.54
N HIS B 260 9.17 27.18 0.58
CA HIS B 260 9.18 25.93 1.32
C HIS B 260 10.24 24.97 0.78
N LEU B 261 10.58 25.06 -0.51
CA LEU B 261 11.65 24.27 -1.12
C LEU B 261 12.90 25.08 -1.37
N GLY B 262 13.18 26.08 -0.51
CA GLY B 262 14.29 26.99 -0.76
C GLY B 262 15.65 26.33 -0.97
N TYR B 263 15.88 25.18 -0.32
CA TYR B 263 17.19 24.54 -0.38
C TYR B 263 17.55 24.05 -1.77
N ILE B 264 16.55 23.79 -2.61
CA ILE B 264 16.80 23.41 -3.99
C ILE B 264 16.46 24.52 -4.97
N GLN B 265 15.62 25.49 -4.57
CA GLN B 265 15.35 26.65 -5.43
C GLN B 265 16.58 27.57 -5.51
N LYS B 266 17.18 27.86 -4.36
CA LYS B 266 18.29 28.81 -4.27
C LYS B 266 19.36 28.21 -3.38
N PRO B 267 20.01 27.14 -3.85
CA PRO B 267 20.96 26.42 -2.98
C PRO B 267 22.16 27.23 -2.54
N GLU B 268 22.69 28.16 -3.35
CA GLU B 268 23.83 28.94 -2.84
C GLU B 268 23.42 29.90 -1.74
N GLY B 269 22.29 30.59 -1.92
CA GLY B 269 21.82 31.49 -0.88
C GLY B 269 21.46 30.73 0.39
N PHE B 270 20.81 29.59 0.23
CA PHE B 270 20.50 28.73 1.37
C PHE B 270 21.78 28.35 2.10
N ALA B 271 22.78 27.85 1.37
CA ALA B 271 24.04 27.46 1.99
C ALA B 271 24.72 28.65 2.65
N ASP B 272 24.68 29.82 2.00
CA ASP B 272 25.35 31.00 2.56
C ASP B 272 24.84 31.29 3.96
N VAL B 273 23.52 31.16 4.18
CA VAL B 273 22.94 31.46 5.49
C VAL B 273 23.31 30.37 6.48
N LEU B 274 23.27 29.09 6.06
CA LEU B 274 23.67 28.00 6.95
C LEU B 274 25.10 28.18 7.42
N LEU B 275 25.97 28.73 6.57
CA LEU B 275 27.36 28.96 6.96
C LEU B 275 27.47 30.13 7.94
N ASN B 276 26.80 31.25 7.66
CA ASN B 276 26.80 32.36 8.61
C ASN B 276 26.26 31.91 9.96
N MET B 277 25.46 30.84 9.96
CA MET B 277 24.81 30.30 11.16
C MET B 277 25.75 29.42 11.97
N TRP B 278 26.49 28.53 11.29
CA TRP B 278 27.17 27.41 11.95
C TRP B 278 28.64 27.23 11.63
N GLY B 279 29.24 28.07 10.78
CA GLY B 279 30.63 27.86 10.38
C GLY B 279 31.61 28.86 10.95
#